data_6P81
#
_entry.id   6P81
#
_cell.length_a   71.020
_cell.length_b   83.100
_cell.length_c   188.180
_cell.angle_alpha   90.000
_cell.angle_beta   90.000
_cell.angle_gamma   90.000
#
_symmetry.space_group_name_H-M   'I 2 2 2'
#
loop_
_entity.id
_entity.type
_entity.pdbx_description
1 polymer 'Ubiquitin-like protein SMT3,Beta sliding clamp'
2 polymer Griselimycin
3 non-polymer 'CALCIUM ION'
4 non-polymer 1-METHOXY-2-[2-(2-METHOXY-ETHOXY]-ETHANE
5 non-polymer 'ACETATE ION'
6 non-polymer 'CHLORIDE ION'
7 water water
#
loop_
_entity_poly.entity_id
_entity_poly.type
_entity_poly.pdbx_seq_one_letter_code
_entity_poly.pdbx_strand_id
1 'polypeptide(L)'
;MGHHHHHHSGEVKPEVKPETHINLKVSDGSSEIFFKIKKTTPLRRLMEAFAKRQGKEMDSLRFLYDGIRIQADQTPEDLD
MEDNDIIEAHREQIGGMKFTVEREHLLKPLQQVSGPLGGRPTLPILGNLLLQVADGTLSLTGTDLEMEMVARVALVQPHE
PGATTVPARKFFDICRGLPEGAEIAVQLEGERMLVRSGRSRFSLSTLPAADFPNLDDWQSEVEFTLPQATMKRLIEATQF
SMAHQDVRYYLNGMLFETEGEELRTVATDGHRLAVCSMPIGQSLPSHSVIVPRKGVIELMRMLDGGDNPLRVQIGSNNIR
AHVGDFIFTSKLVDGRFPDYRRVLPKNPDKHLEAGCDLLKQAFARAAILSNEKFRGVRLYVSENQLKITANNPEQEEAEE
ILDVTYSGAEMEIGFNVSYVLDVLNALKCENVRMMLTDSVSSVQIEDAASQSAAYVVMPMRL
;
A
2 'polypeptide(L)' (ACE)(MVA)(MP8)(NZC)L(MP8)L(MVA)P(MLU)G B
#
loop_
_chem_comp.id
_chem_comp.type
_chem_comp.name
_chem_comp.formula
ACE non-polymer 'ACETYL GROUP' 'C2 H4 O'
ACT non-polymer 'ACETATE ION' 'C2 H3 O2 -1'
CA non-polymer 'CALCIUM ION' 'Ca 2'
CL non-polymer 'CHLORIDE ION' 'Cl -1'
PG5 non-polymer 1-METHOXY-2-[2-(2-METHOXY-ETHOXY]-ETHANE 'C8 H18 O4'
#
# COMPACT_ATOMS: atom_id res chain seq x y z
N GLU A 19 4.33 -32.44 9.34
CA GLU A 19 3.96 -31.39 8.38
C GLU A 19 4.39 -31.77 6.96
N THR A 20 4.64 -33.07 6.75
CA THR A 20 5.01 -33.60 5.43
C THR A 20 3.79 -33.90 4.57
N HIS A 21 2.69 -34.30 5.18
CA HIS A 21 1.49 -34.68 4.45
C HIS A 21 0.39 -33.65 4.68
N ILE A 22 -0.65 -33.74 3.85
CA ILE A 22 -1.75 -32.79 3.84
C ILE A 22 -3.07 -33.56 3.88
N ASN A 23 -4.02 -33.04 4.67
CA ASN A 23 -5.41 -33.53 4.64
C ASN A 23 -6.25 -32.67 3.70
N LEU A 24 -6.98 -33.32 2.80
CA LEU A 24 -7.81 -32.63 1.82
C LEU A 24 -9.21 -33.23 1.80
N LYS A 25 -10.20 -32.37 1.58
CA LYS A 25 -11.58 -32.80 1.41
C LYS A 25 -11.96 -32.60 -0.04
N VAL A 26 -12.54 -33.64 -0.65
CA VAL A 26 -13.07 -33.55 -2.02
C VAL A 26 -14.58 -33.69 -1.93
N SER A 27 -15.31 -32.73 -2.48
CA SER A 27 -16.75 -32.69 -2.32
C SER A 27 -17.41 -32.38 -3.65
N ASP A 28 -18.48 -33.10 -3.98
CA ASP A 28 -19.28 -32.76 -5.16
C ASP A 28 -20.62 -32.12 -4.77
N GLY A 29 -20.73 -31.63 -3.54
CA GLY A 29 -21.95 -31.02 -3.05
C GLY A 29 -22.84 -31.95 -2.23
N SER A 30 -22.68 -33.26 -2.39
CA SER A 30 -23.46 -34.24 -1.63
C SER A 30 -22.53 -35.30 -1.02
N SER A 31 -21.62 -35.84 -1.83
CA SER A 31 -20.62 -36.80 -1.37
C SER A 31 -19.32 -36.08 -1.04
N GLU A 32 -18.75 -36.41 0.12
CA GLU A 32 -17.48 -35.85 0.56
C GLU A 32 -16.54 -37.01 0.89
N ILE A 33 -15.33 -36.97 0.35
CA ILE A 33 -14.30 -37.95 0.65
C ILE A 33 -13.05 -37.22 1.10
N PHE A 34 -12.39 -37.75 2.13
CA PHE A 34 -11.20 -37.14 2.69
C PHE A 34 -9.96 -37.96 2.32
N PHE A 35 -8.86 -37.26 2.06
CA PHE A 35 -7.61 -37.87 1.63
C PHE A 35 -6.44 -37.28 2.38
N LYS A 36 -5.52 -38.14 2.81
CA LYS A 36 -4.21 -37.71 3.31
C LYS A 36 -3.17 -38.08 2.26
N ILE A 37 -2.48 -37.07 1.72
CA ILE A 37 -1.43 -37.32 0.74
C ILE A 37 -0.20 -36.50 1.08
N LYS A 38 0.94 -36.94 0.56
CA LYS A 38 2.17 -36.18 0.71
C LYS A 38 2.05 -34.87 -0.07
N LYS A 39 2.62 -33.80 0.49
CA LYS A 39 2.54 -32.49 -0.17
C LYS A 39 3.22 -32.51 -1.53
N THR A 40 4.07 -33.50 -1.80
CA THR A 40 4.81 -33.62 -3.05
C THR A 40 4.22 -34.63 -4.00
N THR A 41 3.09 -35.24 -3.67
CA THR A 41 2.50 -36.25 -4.54
C THR A 41 1.46 -35.61 -5.47
N PRO A 42 1.48 -35.95 -6.76
CA PRO A 42 0.47 -35.41 -7.68
C PRO A 42 -0.94 -35.81 -7.27
N LEU A 43 -1.89 -34.91 -7.54
CA LEU A 43 -3.28 -35.11 -7.16
C LEU A 43 -4.03 -36.08 -8.08
N ARG A 44 -3.34 -36.67 -9.08
CA ARG A 44 -4.00 -37.55 -10.04
C ARG A 44 -4.68 -38.73 -9.34
N ARG A 45 -3.96 -39.40 -8.45
CA ARG A 45 -4.53 -40.58 -7.80
C ARG A 45 -5.76 -40.21 -6.98
N LEU A 46 -5.73 -39.02 -6.35
CA LEU A 46 -6.86 -38.58 -5.56
C LEU A 46 -8.08 -38.31 -6.44
N MET A 47 -7.89 -37.61 -7.57
CA MET A 47 -9.00 -37.33 -8.46
C MET A 47 -9.64 -38.61 -8.98
N GLU A 48 -8.82 -39.55 -9.47
CA GLU A 48 -9.37 -40.77 -10.05
C GLU A 48 -10.12 -41.59 -9.02
N ALA A 49 -9.62 -41.62 -7.78
CA ALA A 49 -10.30 -42.36 -6.73
C ALA A 49 -11.65 -41.74 -6.39
N PHE A 50 -11.74 -40.40 -6.40
CA PHE A 50 -13.03 -39.77 -6.12
C PHE A 50 -14.02 -40.05 -7.24
N ALA A 51 -13.59 -39.90 -8.49
CA ALA A 51 -14.46 -40.22 -9.61
C ALA A 51 -14.96 -41.65 -9.53
N LYS A 52 -14.07 -42.57 -9.15
CA LYS A 52 -14.45 -43.99 -9.04
C LYS A 52 -15.55 -44.19 -8.01
N ARG A 53 -15.47 -43.51 -6.85
CA ARG A 53 -16.51 -43.64 -5.84
C ARG A 53 -17.86 -43.16 -6.35
N GLN A 54 -17.86 -42.19 -7.26
CA GLN A 54 -19.10 -41.66 -7.84
C GLN A 54 -19.61 -42.49 -9.01
N GLY A 55 -18.86 -43.52 -9.44
CA GLY A 55 -19.23 -44.23 -10.65
C GLY A 55 -19.20 -43.38 -11.90
N LYS A 56 -18.33 -42.37 -11.94
CA LYS A 56 -18.24 -41.44 -13.05
C LYS A 56 -16.86 -41.55 -13.70
N GLU A 57 -16.79 -41.21 -14.98
CA GLU A 57 -15.54 -41.25 -15.71
C GLU A 57 -14.67 -40.05 -15.33
N MET A 58 -13.36 -40.28 -15.27
CA MET A 58 -12.40 -39.23 -14.92
C MET A 58 -12.58 -38.00 -15.79
N ASP A 59 -12.93 -38.18 -17.05
CA ASP A 59 -13.14 -37.04 -17.94
C ASP A 59 -14.43 -36.28 -17.61
N SER A 60 -15.42 -36.97 -17.04
CA SER A 60 -16.73 -36.37 -16.82
C SER A 60 -16.77 -35.37 -15.66
N LEU A 61 -15.67 -35.17 -14.95
CA LEU A 61 -15.63 -34.23 -13.84
C LEU A 61 -14.49 -33.23 -14.03
N ARG A 62 -14.64 -32.07 -13.42
CA ARG A 62 -13.55 -31.11 -13.31
C ARG A 62 -13.33 -30.79 -11.84
N PHE A 63 -12.07 -30.80 -11.42
CA PHE A 63 -11.69 -30.59 -10.02
C PHE A 63 -11.16 -29.18 -9.86
N LEU A 64 -11.87 -28.37 -9.09
CA LEU A 64 -11.60 -26.96 -8.94
C LEU A 64 -11.10 -26.66 -7.53
N TYR A 65 -10.04 -25.86 -7.42
CA TYR A 65 -9.53 -25.39 -6.14
C TYR A 65 -9.72 -23.88 -6.14
N ASP A 66 -10.69 -23.42 -5.35
CA ASP A 66 -11.12 -22.00 -5.37
C ASP A 66 -11.46 -21.58 -6.79
N GLY A 67 -12.12 -22.51 -7.51
CA GLY A 67 -12.54 -22.26 -8.87
C GLY A 67 -11.50 -22.52 -9.94
N ILE A 68 -10.24 -22.73 -9.57
CA ILE A 68 -9.19 -22.93 -10.56
C ILE A 68 -9.02 -24.42 -10.82
N ARG A 69 -9.01 -24.78 -12.10
CA ARG A 69 -8.97 -26.19 -12.52
C ARG A 69 -7.62 -26.81 -12.20
N ILE A 70 -7.65 -27.88 -11.41
CA ILE A 70 -6.44 -28.60 -11.05
C ILE A 70 -6.02 -29.47 -12.24
N GLN A 71 -4.72 -29.45 -12.55
CA GLN A 71 -4.15 -30.37 -13.52
C GLN A 71 -3.59 -31.59 -12.80
N ALA A 72 -3.74 -32.76 -13.42
CA ALA A 72 -3.50 -34.03 -12.73
C ALA A 72 -2.06 -34.20 -12.26
N ASP A 73 -1.11 -33.50 -12.85
CA ASP A 73 0.28 -33.64 -12.43
C ASP A 73 0.68 -32.67 -11.33
N GLN A 74 -0.19 -31.75 -10.94
CA GLN A 74 0.14 -30.79 -9.90
C GLN A 74 0.00 -31.42 -8.51
N THR A 75 0.83 -30.96 -7.58
CA THR A 75 0.87 -31.41 -6.20
C THR A 75 0.25 -30.36 -5.29
N PRO A 76 -0.15 -30.76 -4.06
CA PRO A 76 -0.57 -29.75 -3.06
C PRO A 76 0.46 -28.65 -2.85
N GLU A 77 1.75 -29.00 -2.86
CA GLU A 77 2.79 -28.00 -2.68
C GLU A 77 2.79 -26.98 -3.81
N ASP A 78 2.58 -27.44 -5.05
CA ASP A 78 2.52 -26.53 -6.19
C ASP A 78 1.39 -25.52 -6.02
N LEU A 79 0.27 -25.94 -5.44
CA LEU A 79 -0.91 -25.11 -5.30
C LEU A 79 -1.02 -24.45 -3.92
N ASP A 80 0.03 -24.54 -3.10
CA ASP A 80 0.07 -23.94 -1.76
C ASP A 80 -1.17 -24.32 -0.96
N MET A 81 -1.60 -25.58 -1.07
CA MET A 81 -2.76 -26.00 -0.33
C MET A 81 -2.40 -26.13 1.15
N GLU A 82 -3.41 -26.00 2.01
CA GLU A 82 -3.22 -26.09 3.44
C GLU A 82 -4.17 -27.12 4.01
N ASP A 83 -3.97 -27.43 5.29
CA ASP A 83 -4.72 -28.51 5.94
C ASP A 83 -6.22 -28.23 5.85
N ASN A 84 -6.97 -29.25 5.46
CA ASN A 84 -8.42 -29.24 5.35
C ASN A 84 -8.91 -28.34 4.23
N ASP A 85 -8.05 -27.98 3.29
CA ASP A 85 -8.51 -27.32 2.06
C ASP A 85 -9.47 -28.24 1.31
N ILE A 86 -10.33 -27.63 0.50
CA ILE A 86 -11.44 -28.32 -0.14
C ILE A 86 -11.25 -28.28 -1.65
N ILE A 87 -11.37 -29.44 -2.29
CA ILE A 87 -11.40 -29.57 -3.74
C ILE A 87 -12.84 -29.87 -4.13
N GLU A 88 -13.39 -29.06 -5.01
CA GLU A 88 -14.78 -29.20 -5.42
C GLU A 88 -14.81 -29.95 -6.74
N ALA A 89 -15.53 -31.06 -6.76
CA ALA A 89 -15.76 -31.82 -7.97
C ALA A 89 -17.05 -31.30 -8.59
N HIS A 90 -16.96 -30.86 -9.84
CA HIS A 90 -18.09 -30.35 -10.60
C HIS A 90 -18.22 -31.17 -11.87
N ARG A 91 -19.46 -31.35 -12.33
CA ARG A 91 -19.69 -31.94 -13.64
C ARG A 91 -18.91 -31.17 -14.69
N GLU A 92 -18.35 -31.90 -15.66
CA GLU A 92 -17.48 -31.29 -16.66
C GLU A 92 -18.21 -30.16 -17.39
N GLN A 93 -17.51 -29.04 -17.54
CA GLN A 93 -18.04 -27.88 -18.25
C GLN A 93 -16.80 -27.09 -18.71
N ILE A 94 -16.36 -27.37 -19.93
CA ILE A 94 -15.14 -26.75 -20.46
C ILE A 94 -15.28 -25.24 -20.41
N GLY A 95 -14.32 -24.57 -19.79
CA GLY A 95 -14.36 -23.13 -19.62
C GLY A 95 -15.69 -22.68 -19.05
N GLY A 96 -16.09 -23.29 -17.93
CA GLY A 96 -17.45 -23.19 -17.44
C GLY A 96 -17.82 -21.93 -16.67
N MET A 97 -16.85 -21.11 -16.25
CA MET A 97 -17.12 -19.93 -15.42
C MET A 97 -18.20 -19.05 -16.05
N LYS A 98 -19.18 -18.64 -15.24
CA LYS A 98 -20.29 -17.82 -15.73
C LYS A 98 -20.85 -17.00 -14.58
N PHE A 99 -21.09 -15.71 -14.82
CA PHE A 99 -21.74 -14.91 -13.78
C PHE A 99 -22.47 -13.75 -14.45
N THR A 100 -23.43 -13.18 -13.72
CA THR A 100 -24.13 -11.98 -14.15
C THR A 100 -24.25 -11.06 -12.95
N VAL A 101 -23.70 -9.86 -13.07
N VAL A 101 -23.70 -9.85 -13.06
CA VAL A 101 -23.64 -8.97 -11.92
CA VAL A 101 -23.55 -8.97 -11.89
C VAL A 101 -24.05 -7.58 -12.34
C VAL A 101 -23.88 -7.54 -12.28
N GLU A 102 -24.53 -6.81 -11.38
CA GLU A 102 -24.81 -5.40 -11.62
C GLU A 102 -23.51 -4.63 -11.80
N ARG A 103 -23.50 -3.74 -12.80
CA ARG A 103 -22.36 -2.85 -13.02
C ARG A 103 -21.92 -2.20 -11.73
N GLU A 104 -22.88 -1.69 -10.96
CA GLU A 104 -22.57 -0.94 -9.75
C GLU A 104 -21.84 -1.81 -8.73
N HIS A 105 -22.10 -3.12 -8.76
CA HIS A 105 -21.41 -4.01 -7.83
C HIS A 105 -19.98 -4.33 -8.26
N LEU A 106 -19.64 -4.11 -9.53
CA LEU A 106 -18.31 -4.40 -10.06
C LEU A 106 -17.37 -3.20 -10.12
N LEU A 107 -17.91 -1.97 -10.20
CA LEU A 107 -17.08 -0.83 -10.58
C LEU A 107 -15.96 -0.56 -9.57
N LYS A 108 -16.30 -0.43 -8.29
CA LYS A 108 -15.27 -0.15 -7.29
C LYS A 108 -14.30 -1.31 -7.13
N PRO A 109 -14.76 -2.57 -7.00
CA PRO A 109 -13.80 -3.68 -7.00
C PRO A 109 -12.82 -3.66 -8.16
N LEU A 110 -13.31 -3.45 -9.39
CA LEU A 110 -12.42 -3.41 -10.56
C LEU A 110 -11.43 -2.26 -10.48
N GLN A 111 -11.89 -1.09 -10.04
CA GLN A 111 -10.99 0.05 -9.91
C GLN A 111 -9.90 -0.25 -8.91
N GLN A 112 -10.27 -0.87 -7.79
CA GLN A 112 -9.32 -1.14 -6.72
C GLN A 112 -8.24 -2.12 -7.17
N VAL A 113 -8.64 -3.23 -7.79
CA VAL A 113 -7.64 -4.26 -8.09
C VAL A 113 -6.83 -3.92 -9.33
N SER A 114 -7.25 -2.96 -10.14
CA SER A 114 -6.49 -2.58 -11.32
C SER A 114 -5.34 -1.63 -11.03
N GLY A 115 -5.12 -1.29 -9.75
CA GLY A 115 -4.06 -0.39 -9.36
C GLY A 115 -2.68 -0.97 -9.55
N PRO A 116 -2.37 -2.06 -8.83
CA PRO A 116 -1.11 -2.79 -9.04
C PRO A 116 -1.02 -3.45 -10.42
N GLY A 119 3.09 -6.17 -16.17
CA GLY A 119 2.53 -5.51 -17.34
C GLY A 119 3.56 -5.28 -18.43
N ARG A 120 4.29 -6.33 -18.76
CA ARG A 120 5.36 -6.32 -19.75
C ARG A 120 5.02 -7.22 -20.93
N PRO A 121 5.58 -6.96 -22.11
CA PRO A 121 5.39 -7.89 -23.24
C PRO A 121 5.82 -9.31 -22.93
N THR A 122 6.80 -9.50 -22.05
CA THR A 122 7.20 -10.83 -21.60
C THR A 122 6.37 -11.32 -20.42
N LEU A 123 5.57 -10.44 -19.79
CA LEU A 123 4.66 -10.81 -18.71
C LEU A 123 3.26 -10.28 -18.99
N PRO A 124 2.63 -10.73 -20.08
CA PRO A 124 1.26 -10.27 -20.33
C PRO A 124 0.29 -10.62 -19.22
N ILE A 125 0.50 -11.72 -18.49
CA ILE A 125 -0.51 -12.10 -17.51
C ILE A 125 -0.58 -11.10 -16.36
N LEU A 126 0.49 -10.33 -16.13
CA LEU A 126 0.44 -9.33 -15.07
C LEU A 126 -0.40 -8.12 -15.43
N GLY A 127 -0.74 -7.92 -16.70
CA GLY A 127 -1.74 -6.94 -17.06
C GLY A 127 -3.16 -7.43 -17.02
N ASN A 128 -3.38 -8.68 -16.59
CA ASN A 128 -4.69 -9.28 -16.44
C ASN A 128 -5.14 -9.35 -15.00
N LEU A 129 -6.46 -9.37 -14.81
CA LEU A 129 -7.06 -9.73 -13.52
C LEU A 129 -7.39 -11.21 -13.51
N LEU A 130 -7.13 -11.86 -12.39
CA LEU A 130 -7.61 -13.21 -12.18
C LEU A 130 -9.05 -13.13 -11.69
N LEU A 131 -9.97 -13.81 -12.39
CA LEU A 131 -11.37 -13.92 -11.94
C LEU A 131 -11.62 -15.35 -11.50
N GLN A 132 -12.22 -15.51 -10.33
CA GLN A 132 -12.58 -16.82 -9.80
C GLN A 132 -14.01 -16.78 -9.29
N VAL A 133 -14.80 -17.75 -9.71
CA VAL A 133 -16.16 -17.95 -9.24
C VAL A 133 -16.18 -19.24 -8.44
N ALA A 134 -16.55 -19.14 -7.17
CA ALA A 134 -16.59 -20.30 -6.30
C ALA A 134 -17.32 -19.92 -5.02
N ASP A 135 -18.08 -20.87 -4.47
CA ASP A 135 -18.71 -20.68 -3.17
C ASP A 135 -19.56 -19.40 -3.14
N GLY A 136 -20.33 -19.17 -4.19
CA GLY A 136 -21.21 -18.01 -4.25
C GLY A 136 -20.53 -16.67 -4.39
N THR A 137 -19.25 -16.63 -4.73
CA THR A 137 -18.46 -15.39 -4.69
C THR A 137 -17.62 -15.24 -5.95
N LEU A 138 -17.55 -14.02 -6.48
CA LEU A 138 -16.59 -13.64 -7.51
C LEU A 138 -15.39 -12.99 -6.82
N SER A 139 -14.20 -13.54 -7.03
CA SER A 139 -12.97 -12.92 -6.59
C SER A 139 -12.25 -12.33 -7.79
N LEU A 140 -11.70 -11.13 -7.62
CA LEU A 140 -10.90 -10.46 -8.64
C LEU A 140 -9.55 -10.10 -8.03
N THR A 141 -8.46 -10.47 -8.70
CA THR A 141 -7.11 -10.25 -8.17
C THR A 141 -6.22 -9.57 -9.20
N GLY A 142 -5.54 -8.50 -8.77
CA GLY A 142 -4.47 -7.92 -9.56
C GLY A 142 -3.15 -8.06 -8.83
N THR A 143 -2.07 -8.18 -9.58
CA THR A 143 -0.76 -8.33 -8.96
C THR A 143 0.33 -7.81 -9.88
N ASP A 144 1.45 -7.39 -9.28
CA ASP A 144 2.66 -7.07 -10.02
C ASP A 144 3.83 -7.96 -9.60
N LEU A 145 3.54 -9.10 -8.96
CA LEU A 145 4.49 -10.09 -8.47
C LEU A 145 5.04 -9.77 -7.09
N GLU A 146 4.96 -8.51 -6.66
CA GLU A 146 5.45 -8.13 -5.35
C GLU A 146 4.33 -7.68 -4.41
N MET A 147 3.18 -7.29 -4.94
CA MET A 147 2.00 -7.04 -4.15
C MET A 147 0.78 -7.51 -4.91
N GLU A 148 -0.30 -7.76 -4.18
CA GLU A 148 -1.53 -8.19 -4.81
C GLU A 148 -2.71 -7.57 -4.08
N MET A 149 -3.77 -7.30 -4.84
CA MET A 149 -5.01 -6.76 -4.30
C MET A 149 -6.13 -7.71 -4.70
N VAL A 150 -6.94 -8.15 -3.73
CA VAL A 150 -8.02 -9.09 -4.00
C VAL A 150 -9.33 -8.48 -3.52
N ALA A 151 -10.36 -8.55 -4.37
CA ALA A 151 -11.70 -8.10 -4.01
C ALA A 151 -12.67 -9.28 -4.11
N ARG A 152 -13.61 -9.35 -3.16
CA ARG A 152 -14.65 -10.37 -3.19
C ARG A 152 -16.00 -9.71 -3.42
N VAL A 153 -16.77 -10.26 -4.36
CA VAL A 153 -18.09 -9.73 -4.71
C VAL A 153 -19.09 -10.87 -4.59
N ALA A 154 -20.12 -10.68 -3.76
CA ALA A 154 -21.15 -11.69 -3.59
C ALA A 154 -21.97 -11.80 -4.86
N LEU A 155 -22.26 -13.04 -5.28
CA LEU A 155 -23.04 -13.27 -6.50
C LEU A 155 -24.48 -13.56 -6.09
N VAL A 156 -25.35 -12.59 -6.39
CA VAL A 156 -26.76 -12.66 -6.04
C VAL A 156 -27.55 -13.47 -7.07
N GLN A 157 -27.07 -13.53 -8.31
CA GLN A 157 -27.71 -14.17 -9.44
C GLN A 157 -27.07 -15.52 -9.71
N PRO A 158 -27.73 -16.40 -10.46
CA PRO A 158 -27.14 -17.71 -10.76
C PRO A 158 -25.79 -17.57 -11.45
N HIS A 159 -24.93 -18.56 -11.20
CA HIS A 159 -23.55 -18.53 -11.68
C HIS A 159 -23.04 -19.96 -11.79
N GLU A 160 -21.88 -20.10 -12.43
CA GLU A 160 -21.22 -21.39 -12.59
C GLU A 160 -19.76 -21.22 -12.22
N PRO A 161 -19.18 -22.13 -11.43
CA PRO A 161 -17.81 -21.95 -10.95
C PRO A 161 -16.77 -22.11 -12.06
N GLY A 162 -15.62 -21.50 -11.84
CA GLY A 162 -14.51 -21.56 -12.77
C GLY A 162 -13.61 -20.36 -12.60
N ALA A 163 -12.65 -20.23 -13.51
CA ALA A 163 -11.70 -19.13 -13.40
C ALA A 163 -11.07 -18.82 -14.75
N THR A 164 -10.60 -17.58 -14.90
CA THR A 164 -9.84 -17.17 -16.07
C THR A 164 -9.04 -15.93 -15.69
N THR A 165 -8.23 -15.42 -16.61
CA THR A 165 -7.65 -14.09 -16.44
C THR A 165 -7.95 -13.26 -17.69
N VAL A 166 -8.15 -11.96 -17.48
CA VAL A 166 -8.65 -11.09 -18.54
C VAL A 166 -7.93 -9.75 -18.45
N PRO A 167 -7.64 -9.06 -19.59
CA PRO A 167 -6.99 -7.74 -19.53
C PRO A 167 -7.73 -6.78 -18.60
N ALA A 168 -7.00 -6.26 -17.61
CA ALA A 168 -7.63 -5.53 -16.52
C ALA A 168 -8.21 -4.21 -16.99
N ARG A 169 -7.39 -3.39 -17.66
CA ARG A 169 -7.83 -2.06 -18.04
C ARG A 169 -8.98 -2.11 -19.02
N LYS A 170 -8.90 -2.99 -20.03
CA LYS A 170 -9.99 -3.10 -20.98
C LYS A 170 -11.28 -3.58 -20.31
N PHE A 171 -11.19 -4.57 -19.41
CA PHE A 171 -12.40 -5.01 -18.73
C PHE A 171 -12.99 -3.89 -17.87
N PHE A 172 -12.15 -3.18 -17.12
CA PHE A 172 -12.66 -2.07 -16.33
C PHE A 172 -13.31 -1.01 -17.22
N ASP A 173 -12.64 -0.63 -18.31
CA ASP A 173 -13.16 0.44 -19.16
C ASP A 173 -14.49 0.04 -19.78
N ILE A 174 -14.64 -1.23 -20.14
CA ILE A 174 -15.90 -1.71 -20.71
C ILE A 174 -17.01 -1.58 -19.67
N CYS A 175 -16.75 -2.08 -18.46
CA CYS A 175 -17.77 -2.00 -17.43
CA CYS A 175 -17.74 -2.00 -17.39
C CYS A 175 -18.12 -0.55 -17.10
N ARG A 176 -17.12 0.32 -16.97
CA ARG A 176 -17.39 1.74 -16.69
C ARG A 176 -18.15 2.41 -17.82
N GLY A 177 -17.88 1.99 -19.06
CA GLY A 177 -18.52 2.61 -20.20
C GLY A 177 -19.96 2.21 -20.42
N LEU A 178 -20.42 1.13 -19.79
CA LEU A 178 -21.80 0.72 -19.91
C LEU A 178 -22.69 1.66 -19.11
N PRO A 179 -23.98 1.72 -19.45
CA PRO A 179 -24.85 2.73 -18.83
C PRO A 179 -25.18 2.39 -17.38
N GLU A 180 -25.57 3.43 -16.64
CA GLU A 180 -25.96 3.27 -15.24
C GLU A 180 -27.05 2.21 -15.11
N GLY A 181 -26.87 1.31 -14.14
CA GLY A 181 -27.81 0.23 -13.91
C GLY A 181 -27.62 -1.01 -14.76
N ALA A 182 -26.65 -1.04 -15.66
CA ALA A 182 -26.53 -2.20 -16.54
C ALA A 182 -26.20 -3.47 -15.76
N GLU A 183 -26.72 -4.60 -16.26
CA GLU A 183 -26.30 -5.91 -15.81
C GLU A 183 -25.27 -6.46 -16.78
N ILE A 184 -24.22 -7.06 -16.25
CA ILE A 184 -23.09 -7.50 -17.03
C ILE A 184 -22.98 -9.01 -16.91
N ALA A 185 -23.17 -9.71 -18.03
CA ALA A 185 -23.08 -11.16 -18.09
C ALA A 185 -21.73 -11.56 -18.66
N VAL A 186 -21.07 -12.51 -18.00
CA VAL A 186 -19.72 -12.91 -18.39
C VAL A 186 -19.69 -14.42 -18.52
N GLN A 187 -19.07 -14.91 -19.60
CA GLN A 187 -18.83 -16.34 -19.74
C GLN A 187 -17.59 -16.53 -20.62
N LEU A 188 -17.18 -17.79 -20.76
CA LEU A 188 -15.95 -18.13 -21.48
C LEU A 188 -16.26 -18.85 -22.78
N GLU A 189 -15.54 -18.49 -23.83
CA GLU A 189 -15.71 -19.09 -25.15
C GLU A 189 -14.31 -19.34 -25.69
N GLY A 190 -13.86 -20.59 -25.64
CA GLY A 190 -12.53 -20.94 -26.10
C GLY A 190 -11.48 -20.18 -25.32
N GLU A 191 -10.64 -19.44 -26.04
CA GLU A 191 -9.62 -18.62 -25.41
C GLU A 191 -10.05 -17.17 -25.25
N ARG A 192 -11.35 -16.90 -25.23
CA ARG A 192 -11.80 -15.53 -25.00
C ARG A 192 -12.86 -15.52 -23.89
N MET A 193 -13.05 -14.33 -23.33
CA MET A 193 -14.09 -14.08 -22.34
C MET A 193 -15.13 -13.19 -22.99
N LEU A 194 -16.38 -13.65 -23.03
CA LEU A 194 -17.49 -12.89 -23.62
C LEU A 194 -18.19 -12.09 -22.54
N VAL A 195 -18.31 -10.78 -22.76
CA VAL A 195 -19.01 -9.86 -21.89
C VAL A 195 -20.22 -9.36 -22.66
N ARG A 196 -21.42 -9.48 -22.06
CA ARG A 196 -22.63 -9.02 -22.72
C ARG A 196 -23.43 -8.12 -21.80
N SER A 197 -23.97 -7.04 -22.36
CA SER A 197 -24.88 -6.18 -21.60
C SER A 197 -25.74 -5.44 -22.61
N GLY A 198 -27.07 -5.50 -22.44
CA GLY A 198 -27.92 -4.88 -23.47
C GLY A 198 -27.62 -5.49 -24.83
N ARG A 199 -27.47 -4.64 -25.85
CA ARG A 199 -26.97 -5.10 -27.14
C ARG A 199 -25.51 -4.73 -27.35
N SER A 200 -24.73 -4.75 -26.29
CA SER A 200 -23.29 -4.54 -26.34
C SER A 200 -22.63 -5.89 -26.11
N ARG A 201 -21.64 -6.23 -26.94
CA ARG A 201 -20.93 -7.50 -26.85
C ARG A 201 -19.44 -7.26 -26.92
N PHE A 202 -18.66 -7.91 -26.05
CA PHE A 202 -17.21 -7.75 -26.09
C PHE A 202 -16.57 -9.10 -25.91
N SER A 203 -15.54 -9.37 -26.70
CA SER A 203 -14.77 -10.60 -26.62
CA SER A 203 -14.77 -10.60 -26.59
C SER A 203 -13.33 -10.24 -26.30
N LEU A 204 -12.85 -10.63 -25.12
CA LEU A 204 -11.51 -10.28 -24.65
C LEU A 204 -10.63 -11.51 -24.64
N SER A 205 -9.34 -11.33 -24.94
CA SER A 205 -8.40 -12.44 -24.92
CA SER A 205 -8.45 -12.47 -24.92
C SER A 205 -8.10 -12.85 -23.47
N THR A 206 -7.93 -14.14 -23.24
CA THR A 206 -7.67 -14.62 -21.88
C THR A 206 -6.32 -15.32 -21.82
N LEU A 207 -5.83 -15.47 -20.59
CA LEU A 207 -4.74 -16.40 -20.32
C LEU A 207 -5.15 -17.27 -19.14
N PRO A 208 -4.65 -18.51 -19.07
CA PRO A 208 -5.18 -19.47 -18.09
C PRO A 208 -5.00 -19.03 -16.63
N ALA A 209 -6.06 -19.26 -15.84
CA ALA A 209 -6.00 -18.94 -14.42
C ALA A 209 -4.90 -19.70 -13.72
N ALA A 210 -4.68 -20.96 -14.12
CA ALA A 210 -3.63 -21.77 -13.51
C ALA A 210 -2.25 -21.14 -13.65
N ASP A 211 -2.08 -20.22 -14.60
CA ASP A 211 -0.81 -19.54 -14.82
C ASP A 211 -0.68 -18.23 -14.06
N PHE A 212 -1.71 -17.80 -13.38
CA PHE A 212 -1.64 -16.57 -12.58
C PHE A 212 -0.81 -16.81 -11.33
N PRO A 213 0.15 -15.94 -11.03
CA PRO A 213 1.00 -16.14 -9.85
C PRO A 213 0.24 -15.92 -8.56
N ASN A 214 0.67 -16.62 -7.50
CA ASN A 214 0.08 -16.32 -6.19
C ASN A 214 1.15 -16.41 -5.12
N LEU A 215 1.20 -15.38 -4.27
CA LEU A 215 2.11 -15.37 -3.13
C LEU A 215 1.81 -16.56 -2.22
N ASP A 216 2.85 -17.27 -1.81
CA ASP A 216 2.64 -18.39 -0.91
C ASP A 216 2.29 -17.89 0.48
N ASP A 217 1.60 -18.74 1.24
CA ASP A 217 1.11 -18.35 2.56
C ASP A 217 2.25 -18.14 3.53
N TRP A 218 1.98 -17.35 4.57
CA TRP A 218 2.96 -17.01 5.58
C TRP A 218 2.25 -16.81 6.90
N GLN A 219 3.03 -16.79 7.98
CA GLN A 219 2.48 -16.70 9.32
C GLN A 219 2.46 -15.25 9.77
N SER A 220 1.31 -14.78 10.22
CA SER A 220 1.23 -13.46 10.83
C SER A 220 1.93 -13.47 12.18
N GLU A 221 2.72 -12.44 12.44
CA GLU A 221 3.48 -12.31 13.67
C GLU A 221 2.88 -11.29 14.63
N VAL A 222 2.49 -10.13 14.12
CA VAL A 222 1.73 -9.16 14.89
C VAL A 222 0.47 -8.83 14.09
N GLU A 223 -0.64 -8.69 14.79
CA GLU A 223 -1.92 -8.45 14.14
C GLU A 223 -2.73 -7.48 14.99
N PHE A 224 -3.33 -6.50 14.33
CA PHE A 224 -4.07 -5.49 15.07
C PHE A 224 -5.10 -4.87 14.14
N THR A 225 -6.13 -4.30 14.74
CA THR A 225 -7.16 -3.55 14.02
C THR A 225 -7.04 -2.08 14.40
N LEU A 226 -7.28 -1.19 13.44
CA LEU A 226 -7.25 0.23 13.75
C LEU A 226 -8.12 0.97 12.76
N PRO A 227 -8.62 2.16 13.12
CA PRO A 227 -9.46 2.92 12.19
C PRO A 227 -8.69 3.29 10.93
N GLN A 228 -9.41 3.31 9.81
CA GLN A 228 -8.79 3.72 8.55
C GLN A 228 -8.16 5.11 8.68
N ALA A 229 -8.84 6.03 9.35
CA ALA A 229 -8.36 7.39 9.45
C ALA A 229 -7.04 7.47 10.22
N THR A 230 -6.80 6.51 11.12
CA THR A 230 -5.55 6.49 11.89
C THR A 230 -4.38 6.06 11.01
N MET A 231 -4.54 4.97 10.27
CA MET A 231 -3.54 4.58 9.29
C MET A 231 -3.30 5.67 8.26
N LYS A 232 -4.37 6.36 7.81
CA LYS A 232 -4.20 7.40 6.82
C LYS A 232 -3.38 8.57 7.38
N ARG A 233 -3.68 8.96 8.63
CA ARG A 233 -2.89 9.98 9.32
C ARG A 233 -1.43 9.56 9.42
N LEU A 234 -1.17 8.30 9.80
CA LEU A 234 0.22 7.85 9.94
C LEU A 234 0.97 7.95 8.62
N ILE A 235 0.34 7.55 7.51
CA ILE A 235 1.04 7.57 6.23
C ILE A 235 1.20 9.01 5.71
N GLU A 236 0.13 9.79 5.77
CA GLU A 236 0.21 11.16 5.26
C GLU A 236 1.19 12.01 6.06
N ALA A 237 1.36 11.70 7.35
CA ALA A 237 2.29 12.48 8.15
C ALA A 237 3.73 12.31 7.72
N THR A 238 4.08 11.19 7.05
CA THR A 238 5.48 10.88 6.79
C THR A 238 5.79 10.58 5.33
N GLN A 239 4.77 10.29 4.50
CA GLN A 239 5.01 9.79 3.16
C GLN A 239 5.93 10.70 2.34
N PHE A 240 5.78 12.03 2.50
CA PHE A 240 6.55 12.97 1.69
C PHE A 240 8.05 12.91 1.97
N SER A 241 8.47 12.34 3.11
CA SER A 241 9.89 12.27 3.46
C SER A 241 10.57 11.01 2.99
N MET A 242 9.86 10.14 2.28
CA MET A 242 10.52 8.96 1.73
C MET A 242 11.49 9.36 0.63
N ALA A 243 12.56 8.59 0.51
CA ALA A 243 13.46 8.75 -0.60
C ALA A 243 12.77 8.34 -1.89
N HIS A 244 13.29 8.87 -3.00
CA HIS A 244 12.86 8.46 -4.34
C HIS A 244 14.04 7.79 -5.02
N GLN A 245 13.88 6.50 -5.32
CA GLN A 245 14.88 5.72 -6.06
C GLN A 245 16.28 5.82 -5.46
N ASP A 246 16.36 5.88 -4.14
CA ASP A 246 17.64 5.88 -3.46
C ASP A 246 18.29 4.50 -3.56
N VAL A 247 19.62 4.46 -3.71
CA VAL A 247 20.29 3.17 -3.78
C VAL A 247 20.18 2.45 -2.44
N ARG A 248 19.97 3.20 -1.36
CA ARG A 248 19.63 2.59 -0.07
C ARG A 248 18.15 2.22 -0.14
N TYR A 249 17.89 1.07 -0.77
CA TYR A 249 16.54 0.66 -1.11
C TYR A 249 15.60 0.73 0.08
N TYR A 250 16.11 0.50 1.29
CA TYR A 250 15.25 0.55 2.47
C TYR A 250 14.67 1.95 2.71
N LEU A 251 15.34 3.00 2.24
CA LEU A 251 14.84 4.35 2.43
C LEU A 251 13.69 4.68 1.49
N ASN A 252 13.53 3.90 0.42
CA ASN A 252 12.45 4.20 -0.50
C ASN A 252 11.10 3.79 0.05
N GLY A 253 11.11 3.03 1.14
CA GLY A 253 9.89 2.60 1.78
C GLY A 253 9.60 3.38 3.04
N MET A 254 8.62 2.88 3.77
CA MET A 254 8.17 3.51 5.00
C MET A 254 8.30 2.48 6.11
N LEU A 255 8.96 2.87 7.21
CA LEU A 255 9.03 1.98 8.34
C LEU A 255 7.68 1.96 9.04
N PHE A 256 7.20 0.76 9.34
CA PHE A 256 6.03 0.56 10.18
C PHE A 256 6.50 -0.16 11.43
N GLU A 257 6.26 0.45 12.59
CA GLU A 257 6.77 -0.07 13.84
C GLU A 257 5.66 -0.21 14.86
N THR A 258 5.57 -1.38 15.49
CA THR A 258 4.75 -1.51 16.68
C THR A 258 5.62 -1.44 17.92
N GLU A 259 5.17 -0.70 18.92
CA GLU A 259 5.89 -0.58 20.18
C GLU A 259 4.88 -0.26 21.27
N GLY A 260 4.82 -1.10 22.31
CA GLY A 260 3.83 -0.89 23.35
C GLY A 260 2.43 -0.86 22.76
N GLU A 261 1.72 0.24 22.96
CA GLU A 261 0.35 0.37 22.48
C GLU A 261 0.25 1.24 21.24
N GLU A 262 1.37 1.58 20.61
CA GLU A 262 1.39 2.53 19.50
C GLU A 262 1.84 1.86 18.21
N LEU A 263 1.34 2.40 17.10
CA LEU A 263 1.88 2.13 15.78
C LEU A 263 2.60 3.38 15.28
N ARG A 264 3.76 3.19 14.66
CA ARG A 264 4.62 4.30 14.25
C ARG A 264 5.04 4.13 12.79
N THR A 265 5.05 5.23 12.03
CA THR A 265 5.68 5.27 10.73
C THR A 265 6.88 6.20 10.75
N VAL A 266 7.90 5.84 9.97
CA VAL A 266 9.11 6.64 9.84
C VAL A 266 9.50 6.67 8.36
N ALA A 267 9.88 7.87 7.88
CA ALA A 267 10.38 8.01 6.53
C ALA A 267 11.51 9.02 6.52
N THR A 268 12.53 8.75 5.70
CA THR A 268 13.64 9.68 5.59
C THR A 268 14.34 9.48 4.26
N ASP A 269 14.92 10.57 3.75
CA ASP A 269 15.72 10.51 2.54
C ASP A 269 17.16 10.94 2.80
N GLY A 270 17.55 11.11 4.05
CA GLY A 270 18.87 11.56 4.40
C GLY A 270 18.98 13.05 4.64
N HIS A 271 18.06 13.84 4.09
CA HIS A 271 18.03 15.29 4.34
C HIS A 271 16.94 15.69 5.32
N ARG A 272 15.84 14.94 5.36
CA ARG A 272 14.77 15.19 6.31
C ARG A 272 14.20 13.85 6.74
N LEU A 273 13.65 13.83 7.95
CA LEU A 273 12.98 12.66 8.47
C LEU A 273 11.62 13.09 8.99
N ALA A 274 10.67 12.18 8.90
CA ALA A 274 9.35 12.35 9.47
C ALA A 274 9.04 11.12 10.31
N VAL A 275 8.50 11.32 11.50
CA VAL A 275 8.09 10.20 12.35
C VAL A 275 6.73 10.55 12.94
N CYS A 276 5.80 9.59 12.93
CA CYS A 276 4.48 9.80 13.49
C CYS A 276 4.07 8.55 14.26
N SER A 277 3.59 8.73 15.49
CA SER A 277 3.16 7.64 16.36
C SER A 277 1.73 7.87 16.79
N MET A 278 0.92 6.81 16.76
CA MET A 278 -0.48 6.87 17.11
C MET A 278 -0.84 5.67 17.97
N PRO A 279 -1.73 5.85 18.95
CA PRO A 279 -2.12 4.74 19.82
C PRO A 279 -3.16 3.85 19.15
N ILE A 280 -3.03 2.55 19.35
CA ILE A 280 -3.98 1.61 18.75
C ILE A 280 -4.69 0.77 19.82
N GLY A 281 -4.64 1.20 21.08
CA GLY A 281 -5.50 0.67 22.11
C GLY A 281 -5.29 -0.79 22.48
N GLN A 282 -4.21 -1.39 22.00
CA GLN A 282 -3.89 -2.76 22.35
C GLN A 282 -2.36 -2.89 22.39
N SER A 283 -1.85 -3.41 23.50
CA SER A 283 -0.40 -3.58 23.59
C SER A 283 0.03 -4.74 22.71
N LEU A 284 1.14 -4.55 22.02
CA LEU A 284 1.59 -5.49 21.01
C LEU A 284 3.06 -5.80 21.18
N PRO A 285 3.53 -6.94 20.68
CA PRO A 285 4.97 -7.18 20.61
C PRO A 285 5.62 -6.11 19.75
N SER A 286 6.88 -5.80 20.06
CA SER A 286 7.61 -4.84 19.24
C SER A 286 8.00 -5.48 17.91
N HIS A 287 7.71 -4.79 16.81
CA HIS A 287 7.95 -5.31 15.47
C HIS A 287 8.22 -4.13 14.54
N SER A 288 9.12 -4.33 13.58
CA SER A 288 9.62 -3.21 12.77
C SER A 288 9.90 -3.71 11.36
N VAL A 289 9.13 -3.22 10.37
CA VAL A 289 9.28 -3.66 8.99
C VAL A 289 9.24 -2.46 8.06
N ILE A 290 9.75 -2.67 6.84
CA ILE A 290 9.80 -1.62 5.82
C ILE A 290 8.82 -1.96 4.71
N VAL A 291 7.84 -1.10 4.49
CA VAL A 291 6.87 -1.28 3.42
C VAL A 291 7.34 -0.54 2.17
N PRO A 292 7.40 -1.19 0.99
CA PRO A 292 7.88 -0.48 -0.20
C PRO A 292 6.99 0.68 -0.60
N ARG A 293 7.59 1.62 -1.35
CA ARG A 293 6.87 2.82 -1.78
C ARG A 293 5.54 2.49 -2.46
N LYS A 294 5.56 1.54 -3.41
CA LYS A 294 4.32 1.22 -4.11
C LYS A 294 3.29 0.58 -3.19
N GLY A 295 3.76 -0.12 -2.14
CA GLY A 295 2.83 -0.67 -1.17
C GLY A 295 2.16 0.40 -0.34
N VAL A 296 2.93 1.40 0.10
CA VAL A 296 2.35 2.54 0.80
C VAL A 296 1.29 3.21 -0.06
N ILE A 297 1.58 3.38 -1.34
CA ILE A 297 0.61 4.01 -2.26
C ILE A 297 -0.67 3.18 -2.33
N GLU A 298 -0.55 1.85 -2.44
CA GLU A 298 -1.74 1.02 -2.54
C GLU A 298 -2.51 0.98 -1.22
N LEU A 299 -1.81 0.94 -0.09
CA LEU A 299 -2.47 1.00 1.21
C LEU A 299 -3.37 2.22 1.31
N MET A 300 -2.84 3.38 0.91
CA MET A 300 -3.62 4.62 0.92
C MET A 300 -4.86 4.52 0.03
N ARG A 301 -4.74 3.85 -1.12
CA ARG A 301 -5.88 3.76 -2.03
CA ARG A 301 -5.89 3.79 -2.02
C ARG A 301 -7.05 3.02 -1.42
N MET A 302 -6.77 2.09 -0.49
CA MET A 302 -7.83 1.28 0.11
C MET A 302 -8.60 1.99 1.21
N LEU A 303 -8.09 3.12 1.71
CA LEU A 303 -8.65 3.75 2.90
C LEU A 303 -9.76 4.74 2.51
N ASP A 304 -10.76 4.20 1.83
CA ASP A 304 -11.96 4.97 1.49
C ASP A 304 -12.92 4.99 2.68
N ASP A 307 -16.40 3.26 5.85
CA ASP A 307 -17.30 2.35 6.53
C ASP A 307 -16.65 1.71 7.76
N ASN A 308 -16.08 0.53 7.57
CA ASN A 308 -15.54 -0.31 8.63
C ASN A 308 -14.05 -0.05 8.81
N PRO A 309 -13.46 -0.47 9.96
CA PRO A 309 -12.02 -0.26 10.19
C PRO A 309 -11.13 -1.21 9.41
N LEU A 310 -9.85 -1.21 9.75
CA LEU A 310 -8.80 -1.88 9.00
C LEU A 310 -8.11 -2.90 9.90
N ARG A 311 -7.90 -4.11 9.37
CA ARG A 311 -7.17 -5.15 10.08
C ARG A 311 -5.84 -5.41 9.40
N VAL A 312 -4.75 -5.35 10.16
CA VAL A 312 -3.41 -5.44 9.62
C VAL A 312 -2.73 -6.68 10.19
N GLN A 313 -2.11 -7.46 9.32
CA GLN A 313 -1.27 -8.58 9.72
C GLN A 313 0.13 -8.32 9.20
N ILE A 314 1.12 -8.41 10.09
CA ILE A 314 2.51 -8.19 9.69
C ILE A 314 3.28 -9.47 9.95
N GLY A 315 3.94 -9.97 8.91
CA GLY A 315 4.84 -11.09 9.03
C GLY A 315 6.29 -10.65 8.98
N SER A 316 7.17 -11.64 8.85
CA SER A 316 8.60 -11.35 8.78
C SER A 316 9.00 -10.78 7.43
N ASN A 317 8.29 -11.16 6.36
CA ASN A 317 8.64 -10.74 5.01
C ASN A 317 7.48 -10.18 4.22
N ASN A 318 6.29 -10.05 4.82
CA ASN A 318 5.10 -9.62 4.10
C ASN A 318 4.19 -8.86 5.04
N ILE A 319 3.35 -8.01 4.47
CA ILE A 319 2.32 -7.31 5.22
C ILE A 319 0.99 -7.48 4.49
N ARG A 320 -0.10 -7.55 5.25
CA ARG A 320 -1.43 -7.74 4.68
C ARG A 320 -2.42 -6.81 5.38
N ALA A 321 -3.29 -6.18 4.60
CA ALA A 321 -4.31 -5.28 5.14
C ALA A 321 -5.67 -5.74 4.64
N HIS A 322 -6.60 -5.91 5.57
CA HIS A 322 -7.98 -6.29 5.26
C HIS A 322 -8.86 -5.06 5.44
N VAL A 323 -9.48 -4.61 4.36
CA VAL A 323 -10.42 -3.49 4.42
C VAL A 323 -11.71 -3.90 3.72
N GLY A 324 -12.80 -3.92 4.47
CA GLY A 324 -14.07 -4.39 3.94
C GLY A 324 -13.95 -5.72 3.22
N ASP A 325 -14.32 -5.74 1.94
CA ASP A 325 -14.24 -6.92 1.10
C ASP A 325 -12.99 -6.93 0.22
N PHE A 326 -11.93 -6.24 0.66
CA PHE A 326 -10.66 -6.19 -0.05
C PHE A 326 -9.55 -6.72 0.84
N ILE A 327 -8.53 -7.33 0.21
CA ILE A 327 -7.34 -7.79 0.92
C ILE A 327 -6.13 -7.40 0.10
N PHE A 328 -5.24 -6.62 0.69
CA PHE A 328 -3.98 -6.21 0.07
C PHE A 328 -2.82 -6.91 0.73
N THR A 329 -1.89 -7.43 -0.07
CA THR A 329 -0.69 -8.07 0.46
C THR A 329 0.53 -7.51 -0.25
N SER A 330 1.61 -7.30 0.48
CA SER A 330 2.82 -6.77 -0.14
C SER A 330 4.04 -7.45 0.47
N LYS A 331 5.03 -7.69 -0.37
CA LYS A 331 6.33 -8.06 0.17
C LYS A 331 6.90 -6.86 0.93
N LEU A 332 7.76 -7.16 1.90
CA LEU A 332 8.46 -6.14 2.67
C LEU A 332 9.85 -5.92 2.06
N VAL A 333 10.43 -4.79 2.40
CA VAL A 333 11.79 -4.46 1.98
C VAL A 333 12.75 -5.03 3.01
N ASP A 334 13.71 -5.84 2.55
CA ASP A 334 14.63 -6.54 3.43
C ASP A 334 15.87 -5.67 3.60
N GLY A 335 15.92 -4.89 4.68
CA GLY A 335 17.05 -4.03 4.96
C GLY A 335 16.98 -3.49 6.37
N ARG A 336 18.00 -2.71 6.73
CA ARG A 336 18.15 -2.17 8.07
C ARG A 336 17.78 -0.68 8.08
N PHE A 337 16.56 -0.37 8.53
CA PHE A 337 16.12 1.02 8.55
C PHE A 337 16.78 1.80 9.68
N PRO A 338 17.13 3.07 9.44
CA PRO A 338 17.75 3.89 10.49
C PRO A 338 16.83 4.12 11.68
N ASP A 339 17.46 4.28 12.84
CA ASP A 339 16.78 4.51 14.11
C ASP A 339 16.49 6.00 14.26
N TYR A 340 15.21 6.37 14.17
CA TYR A 340 14.86 7.79 14.25
C TYR A 340 15.29 8.40 15.58
N ARG A 341 15.40 7.58 16.64
CA ARG A 341 15.76 8.10 17.95
C ARG A 341 17.16 8.72 17.93
N ARG A 342 18.06 8.19 17.10
CA ARG A 342 19.40 8.73 16.99
C ARG A 342 19.47 9.99 16.14
N VAL A 343 18.40 10.31 15.43
CA VAL A 343 18.41 11.43 14.49
C VAL A 343 17.81 12.66 15.15
N LEU A 344 16.90 12.46 16.10
CA LEU A 344 16.32 13.58 16.83
C LEU A 344 17.41 14.41 17.51
N PRO A 345 17.34 15.73 17.44
CA PRO A 345 18.31 16.57 18.16
C PRO A 345 18.32 16.24 19.64
N LYS A 346 19.53 16.21 20.22
CA LYS A 346 19.70 15.74 21.60
C LYS A 346 19.17 16.74 22.62
N ASN A 347 19.47 18.03 22.45
CA ASN A 347 19.02 19.07 23.38
C ASN A 347 18.63 20.33 22.61
N PRO A 348 17.54 20.27 21.82
CA PRO A 348 17.12 21.44 21.04
C PRO A 348 16.49 22.51 21.91
N ASP A 349 17.31 23.24 22.67
CA ASP A 349 16.90 24.11 23.77
C ASP A 349 16.38 25.49 23.35
N LYS A 350 16.40 25.83 22.06
CA LYS A 350 15.91 27.13 21.57
C LYS A 350 14.59 26.91 20.83
N HIS A 351 13.48 27.26 21.47
CA HIS A 351 12.15 26.94 20.96
C HIS A 351 11.49 28.18 20.38
N LEU A 352 11.09 28.10 19.12
CA LEU A 352 10.34 29.13 18.43
C LEU A 352 8.94 28.59 18.18
N GLU A 353 7.92 29.41 18.45
CA GLU A 353 6.56 29.04 18.12
C GLU A 353 5.95 30.12 17.24
N ALA A 354 5.22 29.68 16.22
CA ALA A 354 4.59 30.62 15.30
C ALA A 354 3.34 29.98 14.72
N GLY A 355 2.38 30.81 14.31
CA GLY A 355 1.24 30.28 13.59
C GLY A 355 1.67 29.55 12.33
N CYS A 356 1.08 28.38 12.10
CA CYS A 356 1.52 27.52 11.00
C CYS A 356 1.26 28.19 9.65
N ASP A 357 0.06 28.73 9.47
CA ASP A 357 -0.25 29.28 8.15
CA ASP A 357 -0.29 29.30 8.17
C ASP A 357 0.52 30.56 7.89
N LEU A 358 0.71 31.41 8.92
CA LEU A 358 1.49 32.62 8.70
C LEU A 358 2.94 32.28 8.33
N LEU A 359 3.53 31.29 9.02
CA LEU A 359 4.87 30.86 8.66
CA LEU A 359 4.87 30.84 8.67
C LEU A 359 4.91 30.30 7.24
N LYS A 360 3.94 29.46 6.89
CA LYS A 360 3.97 28.80 5.59
C LYS A 360 3.86 29.83 4.47
N GLN A 361 2.95 30.79 4.63
CA GLN A 361 2.75 31.80 3.59
C GLN A 361 3.99 32.67 3.42
N ALA A 362 4.70 32.98 4.51
CA ALA A 362 5.92 33.76 4.42
C ALA A 362 7.02 32.97 3.70
N PHE A 363 7.21 31.69 4.07
CA PHE A 363 8.20 30.88 3.37
C PHE A 363 7.85 30.71 1.89
N ALA A 364 6.56 30.58 1.59
CA ALA A 364 6.15 30.40 0.21
C ALA A 364 6.45 31.63 -0.63
N ARG A 365 6.27 32.83 -0.08
CA ARG A 365 6.62 34.03 -0.83
C ARG A 365 8.13 34.17 -0.96
N ALA A 366 8.88 33.93 0.13
CA ALA A 366 10.33 34.03 0.04
C ALA A 366 10.89 33.06 -0.99
N ALA A 367 10.28 31.86 -1.08
CA ALA A 367 10.78 30.84 -2.00
C ALA A 367 10.80 31.33 -3.44
N ILE A 368 9.93 32.27 -3.81
CA ILE A 368 9.85 32.74 -5.19
C ILE A 368 11.20 33.28 -5.66
N LEU A 369 11.95 33.91 -4.77
CA LEU A 369 13.22 34.49 -5.13
C LEU A 369 14.41 33.70 -4.58
N SER A 370 14.20 32.42 -4.25
CA SER A 370 15.32 31.57 -3.90
C SER A 370 15.93 30.95 -5.15
N ASN A 371 17.15 30.43 -4.99
CA ASN A 371 17.82 29.71 -6.07
C ASN A 371 16.96 28.55 -6.55
N GLU A 372 16.75 28.46 -7.87
CA GLU A 372 15.82 27.48 -8.41
C GLU A 372 16.31 26.05 -8.21
N LYS A 373 17.62 25.86 -8.07
CA LYS A 373 18.20 24.54 -7.86
C LYS A 373 18.37 24.22 -6.38
N PHE A 374 18.98 25.13 -5.62
CA PHE A 374 19.37 24.84 -4.25
C PHE A 374 18.35 25.30 -3.22
N ARG A 375 17.49 26.26 -3.57
CA ARG A 375 16.29 26.63 -2.81
C ARG A 375 16.62 27.10 -1.39
N GLY A 376 17.81 27.65 -1.19
CA GLY A 376 18.20 28.08 0.15
C GLY A 376 17.50 29.38 0.56
N VAL A 377 16.97 29.40 1.78
CA VAL A 377 16.52 30.64 2.44
C VAL A 377 17.23 30.72 3.78
N ARG A 378 17.28 31.93 4.31
CA ARG A 378 18.02 32.22 5.53
C ARG A 378 17.02 32.67 6.59
N LEU A 379 17.15 32.12 7.79
CA LEU A 379 16.29 32.47 8.90
C LEU A 379 17.14 33.23 9.91
N TYR A 380 16.68 34.40 10.33
CA TYR A 380 17.28 35.11 11.45
CA TYR A 380 17.27 35.14 11.43
C TYR A 380 16.27 35.16 12.58
N VAL A 381 16.61 34.50 13.68
CA VAL A 381 15.75 34.43 14.85
CA VAL A 381 15.72 34.46 14.84
C VAL A 381 16.26 35.41 15.89
N SER A 382 15.37 36.24 16.43
CA SER A 382 15.68 37.18 17.48
C SER A 382 14.47 37.26 18.39
N GLU A 383 14.55 38.10 19.43
CA GLU A 383 13.49 38.12 20.44
C GLU A 383 12.14 38.36 19.80
N ASN A 384 11.27 37.34 19.90
CA ASN A 384 9.91 37.34 19.34
C ASN A 384 9.84 37.77 17.89
N GLN A 385 10.87 37.47 17.10
CA GLN A 385 10.83 37.88 15.70
C GLN A 385 11.56 36.87 14.84
N LEU A 386 11.02 36.59 13.65
CA LEU A 386 11.70 35.79 12.66
C LEU A 386 11.80 36.62 11.38
N LYS A 387 13.01 36.69 10.82
CA LYS A 387 13.19 37.28 9.50
C LYS A 387 13.62 36.18 8.53
N ILE A 388 12.93 36.07 7.40
CA ILE A 388 13.25 35.09 6.37
C ILE A 388 13.73 35.88 5.16
N THR A 389 14.90 35.52 4.62
CA THR A 389 15.39 36.16 3.42
C THR A 389 15.76 35.11 2.38
N ALA A 390 15.63 35.49 1.11
CA ALA A 390 15.98 34.64 -0.01
C ALA A 390 16.67 35.50 -1.06
N ASN A 391 17.72 34.96 -1.68
CA ASN A 391 18.43 35.60 -2.78
C ASN A 391 18.66 34.57 -3.88
N ASN A 392 18.80 35.02 -5.13
CA ASN A 392 19.05 34.13 -6.24
C ASN A 392 20.22 34.63 -7.06
N PRO A 393 20.67 33.87 -8.07
CA PRO A 393 21.83 34.32 -8.87
C PRO A 393 21.59 35.62 -9.61
N GLU A 394 20.34 35.97 -9.90
CA GLU A 394 20.00 37.25 -10.51
C GLU A 394 20.12 38.42 -9.54
N GLN A 395 20.45 38.16 -8.28
CA GLN A 395 20.57 39.15 -7.22
C GLN A 395 19.22 39.78 -6.86
N GLU A 396 18.14 39.06 -7.12
CA GLU A 396 16.85 39.42 -6.54
C GLU A 396 16.80 38.97 -5.09
N GLU A 397 15.96 39.62 -4.30
N GLU A 397 15.93 39.61 -4.31
CA GLU A 397 15.90 39.24 -2.90
CA GLU A 397 15.90 39.40 -2.87
C GLU A 397 14.53 39.48 -2.31
C GLU A 397 14.48 39.48 -2.34
N ALA A 398 14.13 38.57 -1.44
CA ALA A 398 12.88 38.61 -0.70
C ALA A 398 13.21 38.75 0.78
N GLU A 399 12.37 39.48 1.49
CA GLU A 399 12.49 39.57 2.93
C GLU A 399 11.09 39.53 3.55
N GLU A 400 10.92 38.67 4.57
CA GLU A 400 9.67 38.56 5.32
C GLU A 400 9.97 38.70 6.80
N ILE A 401 9.22 39.54 7.50
CA ILE A 401 9.34 39.67 8.94
CA ILE A 401 9.33 39.71 8.94
C ILE A 401 8.03 39.21 9.57
N LEU A 402 8.14 38.33 10.58
CA LEU A 402 6.99 37.79 11.30
C LEU A 402 7.18 37.97 12.79
N ASP A 403 6.08 38.23 13.49
CA ASP A 403 6.06 38.09 14.95
C ASP A 403 5.99 36.61 15.30
N VAL A 404 6.85 36.15 16.20
CA VAL A 404 6.85 34.77 16.70
C VAL A 404 7.04 34.83 18.21
N THR A 405 6.95 33.66 18.86
CA THR A 405 7.34 33.55 20.27
C THR A 405 8.75 32.97 20.30
N TYR A 406 9.72 33.77 20.75
CA TYR A 406 11.09 33.28 20.82
C TYR A 406 11.89 34.13 21.80
N SER A 407 12.55 33.47 22.75
CA SER A 407 13.37 34.18 23.73
C SER A 407 14.79 33.65 23.85
N GLY A 408 15.25 32.82 22.92
CA GLY A 408 16.60 32.29 22.95
C GLY A 408 17.63 33.24 22.36
N ALA A 409 18.84 32.72 22.20
CA ALA A 409 19.93 33.48 21.60
C ALA A 409 19.61 33.77 20.12
N GLU A 410 20.18 34.85 19.60
CA GLU A 410 19.95 35.14 18.19
C GLU A 410 20.74 34.14 17.34
N MET A 411 20.18 33.73 16.22
CA MET A 411 20.95 32.88 15.33
C MET A 411 20.46 33.02 13.90
N GLU A 412 21.35 32.67 12.99
CA GLU A 412 21.08 32.68 11.57
C GLU A 412 21.26 31.25 11.09
N ILE A 413 20.28 30.72 10.39
CA ILE A 413 20.35 29.33 9.95
C ILE A 413 19.71 29.23 8.58
N GLY A 414 20.33 28.45 7.69
CA GLY A 414 19.83 28.31 6.32
C GLY A 414 19.11 26.99 6.12
N PHE A 415 18.07 27.02 5.27
CA PHE A 415 17.32 25.83 4.95
C PHE A 415 16.94 25.80 3.48
N ASN A 416 16.83 24.58 2.97
CA ASN A 416 16.10 24.31 1.74
C ASN A 416 14.61 24.60 1.99
N VAL A 417 14.08 25.65 1.36
CA VAL A 417 12.72 26.08 1.66
C VAL A 417 11.69 25.02 1.24
N SER A 418 12.00 24.20 0.23
CA SER A 418 11.05 23.16 -0.14
C SER A 418 10.85 22.16 1.00
N TYR A 419 11.94 21.80 1.69
CA TYR A 419 11.82 20.86 2.79
C TYR A 419 11.02 21.47 3.94
N VAL A 420 11.21 22.78 4.18
CA VAL A 420 10.44 23.45 5.23
C VAL A 420 8.98 23.53 4.86
N LEU A 421 8.68 23.91 3.61
CA LEU A 421 7.28 23.98 3.20
C LEU A 421 6.63 22.62 3.23
N ASP A 422 7.38 21.55 2.88
CA ASP A 422 6.82 20.20 2.95
C ASP A 422 6.36 19.88 4.37
N VAL A 423 7.17 20.24 5.37
CA VAL A 423 6.79 19.98 6.75
C VAL A 423 5.57 20.80 7.14
N LEU A 424 5.57 22.10 6.83
CA LEU A 424 4.47 22.94 7.27
C LEU A 424 3.16 22.50 6.62
N ASN A 425 3.24 22.02 5.38
CA ASN A 425 2.04 21.55 4.71
C ASN A 425 1.54 20.24 5.34
N ALA A 426 2.44 19.39 5.83
CA ALA A 426 2.01 18.14 6.47
C ALA A 426 1.50 18.35 7.88
N LEU A 427 1.91 19.42 8.55
CA LEU A 427 1.37 19.75 9.86
C LEU A 427 0.05 20.46 9.63
N LYS A 428 -1.05 19.82 9.94
CA LYS A 428 -2.35 20.43 9.70
C LYS A 428 -2.83 20.94 11.05
N CYS A 429 -2.30 22.09 11.44
CA CYS A 429 -2.47 22.54 12.80
C CYS A 429 -2.37 24.06 12.88
N GLU A 430 -2.71 24.58 14.07
CA GLU A 430 -2.74 26.03 14.24
C GLU A 430 -1.34 26.61 14.44
N ASN A 431 -0.51 25.99 15.27
CA ASN A 431 0.78 26.57 15.64
C ASN A 431 1.86 25.50 15.58
N VAL A 432 3.07 25.90 15.22
CA VAL A 432 4.16 24.96 15.10
C VAL A 432 5.26 25.40 16.05
N ARG A 433 6.07 24.44 16.47
CA ARG A 433 7.23 24.68 17.30
C ARG A 433 8.45 24.23 16.54
N MET A 434 9.44 25.12 16.42
CA MET A 434 10.73 24.80 15.83
C MET A 434 11.74 24.72 16.96
N MET A 435 12.42 23.59 17.07
CA MET A 435 13.35 23.35 18.16
C MET A 435 14.76 23.40 17.61
N LEU A 436 15.50 24.43 18.00
CA LEU A 436 16.77 24.79 17.39
C LEU A 436 17.92 24.53 18.35
N THR A 437 19.08 24.20 17.77
CA THR A 437 20.32 24.03 18.53
C THR A 437 21.37 25.05 18.10
N ASP A 438 21.90 24.94 16.88
CA ASP A 438 22.84 25.90 16.33
C ASP A 438 22.72 25.86 14.81
N SER A 439 23.58 26.64 14.14
CA SER A 439 23.42 26.84 12.70
CA SER A 439 23.39 26.84 12.70
C SER A 439 23.77 25.62 11.86
N VAL A 440 24.48 24.64 12.42
CA VAL A 440 24.91 23.50 11.62
C VAL A 440 24.25 22.20 12.06
N SER A 441 23.23 22.28 12.90
CA SER A 441 22.58 21.10 13.43
C SER A 441 21.14 21.05 12.96
N SER A 442 20.61 19.84 12.87
CA SER A 442 19.23 19.68 12.43
C SER A 442 18.27 20.43 13.35
N VAL A 443 17.12 20.78 12.79
CA VAL A 443 16.01 21.40 13.51
CA VAL A 443 16.05 21.34 13.59
C VAL A 443 14.90 20.35 13.62
N GLN A 444 14.22 20.34 14.76
CA GLN A 444 13.06 19.50 14.97
C GLN A 444 11.82 20.39 14.92
N ILE A 445 10.83 20.00 14.12
CA ILE A 445 9.62 20.78 13.95
C ILE A 445 8.45 19.90 14.32
N GLU A 446 7.53 20.43 15.12
CA GLU A 446 6.33 19.69 15.49
C GLU A 446 5.17 20.65 15.63
N ASP A 447 3.96 20.08 15.65
CA ASP A 447 2.77 20.79 16.11
C ASP A 447 3.04 21.30 17.53
N ALA A 448 2.81 22.60 17.76
CA ALA A 448 3.04 23.11 19.12
C ALA A 448 2.15 22.43 20.14
N ALA A 449 1.02 21.87 19.72
CA ALA A 449 0.05 21.28 20.62
C ALA A 449 0.09 19.76 20.66
N SER A 450 0.93 19.12 19.85
CA SER A 450 0.91 17.66 19.82
C SER A 450 2.30 17.13 19.51
N GLN A 451 2.73 16.11 20.26
CA GLN A 451 3.99 15.46 19.98
C GLN A 451 3.83 14.21 19.13
N SER A 452 2.64 13.98 18.55
CA SER A 452 2.39 12.75 17.81
C SER A 452 3.32 12.62 16.60
N ALA A 453 3.65 13.74 15.94
CA ALA A 453 4.54 13.72 14.80
C ALA A 453 5.72 14.65 15.04
N ALA A 454 6.86 14.29 14.48
CA ALA A 454 8.04 15.12 14.59
C ALA A 454 8.76 15.10 13.25
N TYR A 455 9.33 16.23 12.89
CA TYR A 455 10.04 16.38 11.62
C TYR A 455 11.43 16.90 11.92
N VAL A 456 12.43 16.34 11.25
CA VAL A 456 13.82 16.74 11.46
C VAL A 456 14.41 17.12 10.12
N VAL A 457 14.94 18.33 10.02
CA VAL A 457 15.43 18.88 8.76
C VAL A 457 16.86 19.34 8.97
N MET A 458 17.77 18.86 8.13
CA MET A 458 19.15 19.32 8.25
C MET A 458 19.28 20.70 7.62
N PRO A 459 20.02 21.63 8.23
CA PRO A 459 20.23 22.93 7.60
C PRO A 459 21.25 22.86 6.48
N MET A 460 21.25 23.91 5.66
CA MET A 460 22.29 24.18 4.68
C MET A 460 23.29 25.17 5.28
N ARG A 461 24.57 24.99 4.95
CA ARG A 461 25.59 25.92 5.42
C ARG A 461 25.53 27.24 4.67
N LEU A 462 25.89 28.32 5.36
CA LEU A 462 25.78 29.66 4.81
C LEU A 462 27.12 30.19 4.31
C ACE B 1 25.91 22.35 2.17
O ACE B 1 24.93 22.86 2.61
CH3 ACE B 1 27.15 23.19 1.92
N MVA B 2 25.80 20.95 1.92
CN MVA B 2 26.94 20.19 1.40
CA MVA B 2 24.58 20.18 2.19
CB MVA B 2 23.87 19.81 0.86
CG1 MVA B 2 22.44 19.33 1.09
CG2 MVA B 2 23.89 20.96 -0.14
C MVA B 2 24.84 18.92 3.02
O MVA B 2 24.88 17.81 2.52
C MP8 B 3 23.96 17.14 5.36
N MP8 B 3 25.02 19.13 4.32
O MP8 B 3 22.89 17.51 4.95
CA MP8 B 3 25.17 18.07 5.31
CB MP8 B 3 25.41 18.77 6.67
CD MP8 B 3 25.04 20.47 5.05
CE MP8 B 3 25.13 21.18 7.49
CG MP8 B 3 24.66 20.13 6.49
N NZC B 4 24.13 15.93 5.90
O NZC B 4 23.38 15.00 8.40
OG1 NZC B 4 23.99 12.84 5.95
C NZC B 4 22.62 14.73 7.49
CA NZC B 4 22.95 15.04 6.04
CB NZC B 4 23.12 13.73 5.25
CG2 NZC B 4 23.64 13.96 3.84
C40 NZC B 4 25.45 15.40 6.26
N LEU B 5 21.44 14.18 7.71
CA LEU B 5 21.08 13.64 9.01
C LEU B 5 22.06 12.53 9.36
C MP8 B 6 22.82 9.84 10.79
N MP8 B 6 22.23 12.24 10.65
O MP8 B 6 22.76 9.00 11.68
CA MP8 B 6 23.25 11.27 11.09
CB MP8 B 6 23.47 11.53 12.59
CD MP8 B 6 21.99 13.20 11.75
CE MP8 B 6 22.44 13.22 14.25
CG MP8 B 6 22.20 12.37 13.01
N LEU B 7 22.52 9.56 9.53
CA LEU B 7 22.15 8.21 9.16
C LEU B 7 23.40 7.33 9.10
N MVA B 8 23.33 6.15 9.71
CN MVA B 8 22.16 5.72 10.49
CA MVA B 8 24.44 5.22 9.66
CB MVA B 8 24.92 4.86 11.07
CG1 MVA B 8 25.38 6.11 11.82
CG2 MVA B 8 26.04 3.83 11.03
C MVA B 8 24.06 3.96 8.88
O MVA B 8 23.26 3.16 9.32
N PRO B 9 24.64 3.81 7.67
CA PRO B 9 25.63 4.66 7.02
C PRO B 9 25.03 5.78 6.16
N MLU B 10 25.86 6.70 5.71
CN MLU B 10 27.16 6.99 6.30
CA MLU B 10 25.47 7.60 4.62
C MLU B 10 25.35 9.06 5.03
O MLU B 10 25.63 9.96 4.26
CB MLU B 10 26.45 7.51 3.44
CG MLU B 10 26.69 6.11 2.88
CD1 MLU B 10 27.54 6.18 1.63
CD2 MLU B 10 25.36 5.40 2.59
N GLY B 11 24.94 9.28 6.27
CA GLY B 11 24.84 10.63 6.77
C GLY B 11 23.81 11.48 6.02
CA CA C . -29.77 -3.12 -13.03
C1 PG5 D . -26.08 -12.61 -30.64
O1 PG5 D . -25.18 -13.31 -31.49
C2 PG5 D . -23.95 -12.62 -31.63
C3 PG5 D . -23.03 -13.26 -32.63
O2 PG5 D . -21.77 -12.58 -32.61
C4 PG5 D . -21.90 -11.18 -32.88
C5 PG5 D . -20.56 -10.52 -32.81
O3 PG5 D . -20.12 -10.42 -31.45
C6 PG5 D . -18.93 -9.65 -31.32
C7 PG5 D . -18.40 -9.75 -29.93
O4 PG5 D . -18.21 -11.11 -29.57
C8 PG5 D . -17.46 -11.85 -30.52
C ACT E . 7.21 10.27 18.06
O ACT E . 6.97 9.11 18.53
OXT ACT E . 6.60 10.89 17.14
CH3 ACT E . 8.44 11.00 18.70
CL CL F . -1.83 25.41 19.41
#